data_5OVZ
#
_entry.id   5OVZ
#
_cell.length_a   114.260
_cell.length_b   114.260
_cell.length_c   37.910
_cell.angle_alpha   90.00
_cell.angle_beta   90.00
_cell.angle_gamma   120.00
#
_symmetry.space_group_name_H-M   'P 32'
#
loop_
_entity.id
_entity.type
_entity.pdbx_description
1 polymer 'Nopaline-binding periplasmic protein'
2 non-polymer 'N-[(1S)-4-carbamimidamido-1-carboxybutyl]-D-glutamic acid'
3 non-polymer DI(HYDROXYETHYL)ETHER
4 non-polymer 1,2-ETHANEDIOL
5 non-polymer 'SODIUM ION'
6 water water
#
_entity_poly.entity_id   1
_entity_poly.type   'polypeptide(L)'
_entity_poly.pdbx_seq_one_letter_code
;MKDYKSITIATEGSYAPYNFKDAGGKLIGFDIDLGNDLCKRMNIECKFVEQAWDGIIPSLTAGRYDAIMAAMGIQPAREK
VIAFSRPYLLTPMTFLTTADSPLLKTQVAIENLPLDNITPEQKAELDKFTKIFEGVKFGVQAGTSHEAFMKQMMPSVQIS
TYDTIDNVVMDLKAGRIDASLASVSFLKPLTDKPDNKDLKMFGPRMTGGLFGKGVGVGIRKEDADLKALFDKAIDAAIAD
GTVQKLSQQWFGYDASPKQHHHHHH
;
_entity_poly.pdbx_strand_id   A,B
#
loop_
_chem_comp.id
_chem_comp.type
_chem_comp.name
_chem_comp.formula
2W2 non-polymer 'N-[(1S)-4-carbamimidamido-1-carboxybutyl]-D-glutamic acid' 'C11 H20 N4 O6'
EDO non-polymer 1,2-ETHANEDIOL 'C2 H6 O2'
NA non-polymer 'SODIUM ION' 'Na 1'
PEG non-polymer DI(HYDROXYETHYL)ETHER 'C4 H10 O3'
#
# COMPACT_ATOMS: atom_id res chain seq x y z
N ASP A 3 36.35 6.31 11.83
CA ASP A 3 35.35 5.41 11.24
C ASP A 3 33.94 5.62 11.82
N TYR A 4 33.77 6.58 12.80
CA TYR A 4 32.48 6.90 13.46
C TYR A 4 32.01 5.75 14.34
N LYS A 5 31.06 6.02 15.27
CA LYS A 5 30.48 4.98 16.12
C LYS A 5 28.96 4.90 15.89
N SER A 6 28.31 6.09 15.81
CA SER A 6 26.87 6.23 15.60
C SER A 6 26.55 7.44 14.72
N ILE A 7 25.56 7.30 13.85
CA ILE A 7 25.10 8.42 13.01
C ILE A 7 23.60 8.54 13.06
N THR A 8 23.10 9.75 12.83
CA THR A 8 21.69 10.02 12.74
C THR A 8 21.39 10.37 11.27
N ILE A 9 20.44 9.65 10.66
CA ILE A 9 20.04 9.87 9.26
C ILE A 9 18.63 10.43 9.23
N ALA A 10 18.48 11.58 8.57
CA ALA A 10 17.16 12.19 8.42
C ALA A 10 16.47 11.69 7.19
N THR A 11 15.17 11.53 7.31
CA THR A 11 14.29 11.17 6.20
C THR A 11 13.00 11.92 6.37
N GLU A 12 12.20 11.99 5.30
CA GLU A 12 10.96 12.74 5.35
C GLU A 12 9.81 11.93 5.92
N GLY A 13 9.56 10.76 5.35
CA GLY A 13 8.46 9.91 5.77
C GLY A 13 7.15 10.14 5.03
N SER A 14 7.19 10.85 3.88
CA SER A 14 5.98 11.09 3.07
C SER A 14 6.25 10.87 1.59
N TYR A 15 7.15 9.91 1.26
CA TYR A 15 7.52 9.65 -0.14
C TYR A 15 7.67 8.15 -0.38
N ALA A 16 6.52 7.44 -0.35
CA ALA A 16 6.51 5.99 -0.56
C ALA A 16 6.91 5.64 -2.00
N PRO A 17 7.68 4.57 -2.23
CA PRO A 17 8.16 3.57 -1.25
C PRO A 17 9.57 3.82 -0.72
N TYR A 18 10.12 5.05 -0.95
CA TYR A 18 11.46 5.36 -0.43
C TYR A 18 11.44 5.52 1.09
N ASN A 19 10.54 6.36 1.60
CA ASN A 19 10.45 6.66 3.02
C ASN A 19 9.06 7.09 3.36
N PHE A 20 8.41 6.30 4.20
CA PHE A 20 7.04 6.55 4.62
C PHE A 20 6.78 5.91 5.99
N LYS A 21 5.54 5.91 6.43
CA LYS A 21 5.22 5.39 7.75
C LYS A 21 4.34 4.17 7.69
N ASP A 22 4.64 3.18 8.53
CA ASP A 22 3.83 1.97 8.61
C ASP A 22 2.61 2.23 9.51
N ALA A 23 1.79 1.19 9.75
CA ALA A 23 0.59 1.30 10.57
C ALA A 23 0.85 1.79 11.99
N GLY A 24 2.02 1.46 12.56
CA GLY A 24 2.42 1.88 13.89
C GLY A 24 3.15 3.22 13.96
N GLY A 25 3.26 3.90 12.82
CA GLY A 25 3.92 5.19 12.70
C GLY A 25 5.43 5.13 12.58
N LYS A 26 6.00 3.92 12.40
CA LYS A 26 7.44 3.70 12.26
C LYS A 26 7.90 4.04 10.84
N LEU A 27 9.09 4.63 10.71
CA LEU A 27 9.67 4.99 9.40
C LEU A 27 10.10 3.71 8.69
N ILE A 28 9.60 3.52 7.47
CA ILE A 28 9.88 2.33 6.64
C ILE A 28 10.17 2.73 5.19
N GLY A 29 10.68 1.79 4.41
CA GLY A 29 10.92 2.03 2.99
C GLY A 29 12.31 1.69 2.51
N PHE A 30 12.51 1.82 1.21
CA PHE A 30 13.79 1.54 0.57
C PHE A 30 14.94 2.31 1.23
N ASP A 31 14.76 3.63 1.48
CA ASP A 31 15.82 4.44 2.11
C ASP A 31 16.20 3.92 3.50
N ILE A 32 15.20 3.48 4.27
CA ILE A 32 15.39 2.97 5.64
C ILE A 32 16.13 1.63 5.59
N ASP A 33 15.66 0.70 4.75
CA ASP A 33 16.29 -0.60 4.59
C ASP A 33 17.72 -0.46 4.06
N LEU A 34 17.93 0.41 3.06
CA LEU A 34 19.27 0.62 2.52
C LEU A 34 20.20 1.29 3.52
N GLY A 35 19.72 2.35 4.17
CA GLY A 35 20.45 3.07 5.21
C GLY A 35 20.95 2.11 6.28
N ASN A 36 20.06 1.23 6.78
CA ASN A 36 20.42 0.24 7.81
C ASN A 36 21.47 -0.75 7.31
N ASP A 37 21.33 -1.19 6.04
CA ASP A 37 22.26 -2.11 5.40
C ASP A 37 23.66 -1.46 5.25
N LEU A 38 23.71 -0.20 4.79
CA LEU A 38 24.96 0.56 4.60
C LEU A 38 25.70 0.75 5.93
N CYS A 39 24.99 1.14 7.01
CA CYS A 39 25.57 1.33 8.33
C CYS A 39 26.12 0.04 8.92
N LYS A 40 25.50 -1.11 8.59
CA LYS A 40 25.97 -2.42 9.02
C LYS A 40 27.33 -2.72 8.36
N ARG A 41 27.47 -2.35 7.05
CA ARG A 41 28.72 -2.50 6.28
C ARG A 41 29.83 -1.56 6.78
N MET A 42 29.43 -0.37 7.27
CA MET A 42 30.36 0.65 7.77
C MET A 42 30.75 0.42 9.23
N ASN A 43 30.04 -0.50 9.92
CA ASN A 43 30.18 -0.82 11.35
C ASN A 43 29.85 0.40 12.22
N ILE A 44 28.71 1.05 11.90
CA ILE A 44 28.20 2.24 12.57
C ILE A 44 26.76 1.97 13.03
N GLU A 45 26.38 2.47 14.23
CA GLU A 45 25.03 2.39 14.76
C GLU A 45 24.16 3.37 13.93
N CYS A 46 23.01 2.90 13.45
CA CYS A 46 22.09 3.66 12.61
C CYS A 46 20.84 4.10 13.36
N LYS A 47 20.52 5.41 13.29
CA LYS A 47 19.30 5.96 13.85
C LYS A 47 18.60 6.85 12.81
N PHE A 48 17.37 6.48 12.39
CA PHE A 48 16.60 7.30 11.46
C PHE A 48 15.70 8.27 12.21
N VAL A 49 15.68 9.54 11.79
CA VAL A 49 14.84 10.59 12.39
C VAL A 49 13.95 11.20 11.30
N GLU A 50 12.77 11.66 11.69
CA GLU A 50 11.83 12.29 10.76
C GLU A 50 12.14 13.79 10.69
N GLN A 51 12.18 14.32 9.47
CA GLN A 51 12.41 15.74 9.22
C GLN A 51 11.60 16.16 8.00
N ALA A 52 10.83 17.26 8.12
CA ALA A 52 10.06 17.75 6.98
C ALA A 52 11.03 18.09 5.81
N TRP A 53 10.56 17.83 4.59
CA TRP A 53 11.32 18.09 3.36
C TRP A 53 11.79 19.54 3.30
N ASP A 54 10.91 20.49 3.67
CA ASP A 54 11.19 21.91 3.73
C ASP A 54 12.07 22.09 4.98
N GLY A 55 13.35 22.26 4.74
CA GLY A 55 14.31 22.42 5.85
C GLY A 55 15.26 21.26 6.08
N ILE A 56 15.12 20.17 5.30
CA ILE A 56 15.98 18.98 5.51
C ILE A 56 17.47 19.31 5.19
N ILE A 57 17.75 20.15 4.18
CA ILE A 57 19.14 20.50 3.86
C ILE A 57 19.72 21.46 4.93
N PRO A 58 19.13 22.64 5.26
CA PRO A 58 19.73 23.48 6.31
C PRO A 58 19.82 22.81 7.69
N SER A 59 18.93 21.82 8.00
CA SER A 59 19.05 21.12 9.28
C SER A 59 20.29 20.21 9.28
N LEU A 60 20.66 19.67 8.10
CA LEU A 60 21.89 18.88 7.99
C LEU A 60 23.11 19.80 8.17
N THR A 61 23.13 20.94 7.46
CA THR A 61 24.30 21.85 7.54
C THR A 61 24.42 22.49 8.92
N ALA A 62 23.28 22.61 9.65
CA ALA A 62 23.27 23.14 11.02
C ALA A 62 23.72 22.07 12.07
N GLY A 63 23.96 20.85 11.62
CA GLY A 63 24.43 19.73 12.45
C GLY A 63 23.38 19.06 13.31
N ARG A 64 22.10 19.11 12.89
CA ARG A 64 21.01 18.46 13.64
C ARG A 64 21.02 16.94 13.46
N TYR A 65 21.72 16.45 12.41
CA TYR A 65 21.92 15.03 12.06
C TYR A 65 23.11 14.94 11.09
N ASP A 66 23.53 13.71 10.75
CA ASP A 66 24.74 13.48 9.97
C ASP A 66 24.57 13.24 8.49
N ALA A 67 23.40 12.78 8.08
CA ALA A 67 23.15 12.47 6.68
C ALA A 67 21.68 12.53 6.35
N ILE A 68 21.37 12.58 5.05
CA ILE A 68 20.00 12.56 4.54
C ILE A 68 19.83 11.37 3.58
N MET A 69 18.78 10.57 3.80
CA MET A 69 18.39 9.52 2.86
C MET A 69 16.88 9.71 2.72
N ALA A 70 16.48 10.50 1.72
CA ALA A 70 15.08 10.90 1.58
C ALA A 70 14.70 11.07 0.12
N ALA A 71 15.07 10.07 -0.72
CA ALA A 71 14.81 10.07 -2.17
C ALA A 71 15.40 11.35 -2.75
N MET A 72 16.56 11.80 -2.25
CA MET A 72 17.12 13.06 -2.69
C MET A 72 18.02 12.93 -3.90
N GLY A 73 17.60 13.60 -4.99
CA GLY A 73 18.38 13.63 -6.23
C GLY A 73 19.67 14.42 -6.04
N ILE A 74 20.77 13.94 -6.67
CA ILE A 74 22.08 14.60 -6.65
C ILE A 74 21.93 15.67 -7.72
N GLN A 75 21.44 16.80 -7.28
CA GLN A 75 21.00 17.91 -8.10
C GLN A 75 22.04 19.05 -8.03
N PRO A 76 22.38 19.70 -9.18
CA PRO A 76 23.44 20.74 -9.17
C PRO A 76 23.22 21.88 -8.16
N ALA A 77 21.97 22.34 -7.96
CA ALA A 77 21.69 23.41 -6.98
C ALA A 77 22.03 22.89 -5.57
N ARG A 78 21.67 21.63 -5.27
CA ARG A 78 21.96 21.00 -3.95
C ARG A 78 23.45 20.79 -3.75
N GLU A 79 24.21 20.45 -4.83
CA GLU A 79 25.66 20.26 -4.74
C GLU A 79 26.41 21.52 -4.33
N LYS A 80 25.78 22.70 -4.49
CA LYS A 80 26.39 23.94 -4.06
C LYS A 80 26.36 24.04 -2.54
N VAL A 81 25.43 23.30 -1.89
CA VAL A 81 25.20 23.42 -0.45
C VAL A 81 25.77 22.24 0.35
N ILE A 82 25.58 21.01 -0.16
CA ILE A 82 26.03 19.81 0.54
C ILE A 82 26.75 18.88 -0.44
N ALA A 83 27.35 17.84 0.09
CA ALA A 83 28.01 16.81 -0.71
C ALA A 83 27.04 15.64 -0.83
N PHE A 84 27.32 14.72 -1.75
CA PHE A 84 26.52 13.53 -1.90
C PHE A 84 27.41 12.33 -2.02
N SER A 85 26.88 11.18 -1.60
CA SER A 85 27.48 9.88 -1.84
C SER A 85 27.33 9.65 -3.34
N ARG A 86 27.97 8.59 -3.83
CA ARG A 86 27.75 8.21 -5.21
C ARG A 86 26.26 7.73 -5.26
N PRO A 87 25.62 7.72 -6.44
CA PRO A 87 24.20 7.33 -6.47
C PRO A 87 23.90 5.89 -6.05
N TYR A 88 22.77 5.70 -5.35
CA TYR A 88 22.33 4.36 -4.95
C TYR A 88 21.08 3.91 -5.69
N LEU A 89 20.49 4.80 -6.52
CA LEU A 89 19.34 4.48 -7.37
C LEU A 89 19.34 5.44 -8.55
N LEU A 90 18.99 4.95 -9.75
CA LEU A 90 18.97 5.79 -10.96
C LEU A 90 17.60 5.62 -11.60
N THR A 91 16.93 6.73 -11.87
CA THR A 91 15.58 6.66 -12.44
C THR A 91 15.26 7.90 -13.29
N PRO A 92 14.54 7.72 -14.41
CA PRO A 92 14.13 8.91 -15.18
C PRO A 92 12.88 9.54 -14.55
N MET A 93 12.52 10.72 -15.04
CA MET A 93 11.35 11.50 -14.60
C MET A 93 10.32 11.45 -15.69
N THR A 94 9.05 11.41 -15.32
CA THR A 94 7.99 11.42 -16.33
C THR A 94 6.74 12.11 -15.77
N PHE A 95 5.73 12.29 -16.63
CA PHE A 95 4.52 12.99 -16.24
C PHE A 95 3.44 12.03 -15.73
N LEU A 96 2.50 12.57 -14.96
CA LEU A 96 1.39 11.83 -14.38
C LEU A 96 0.10 12.60 -14.63
N THR A 97 -0.96 11.87 -15.00
CA THR A 97 -2.29 12.46 -15.15
C THR A 97 -3.33 11.40 -14.81
N THR A 98 -4.61 11.70 -15.06
CA THR A 98 -5.71 10.75 -14.82
C THR A 98 -5.90 9.90 -16.06
N ALA A 99 -6.47 8.68 -15.86
CA ALA A 99 -6.70 7.70 -16.93
C ALA A 99 -7.65 8.20 -18.03
N ASP A 100 -8.53 9.15 -17.73
CA ASP A 100 -9.46 9.70 -18.74
C ASP A 100 -8.93 10.97 -19.43
N SER A 101 -7.71 11.40 -19.10
CA SER A 101 -7.17 12.65 -19.65
C SER A 101 -6.83 12.58 -21.15
N PRO A 102 -7.26 13.60 -21.95
CA PRO A 102 -6.85 13.63 -23.37
C PRO A 102 -5.34 13.82 -23.54
N LEU A 103 -4.61 14.23 -22.45
CA LEU A 103 -3.15 14.39 -22.47
C LEU A 103 -2.48 13.05 -22.78
N LEU A 104 -3.15 11.92 -22.44
CA LEU A 104 -2.63 10.57 -22.65
C LEU A 104 -2.44 10.19 -24.12
N LYS A 105 -3.17 10.88 -25.01
CA LYS A 105 -3.15 10.63 -26.46
C LYS A 105 -1.97 11.34 -27.14
N THR A 106 -1.23 12.20 -26.38
CA THR A 106 -0.10 12.96 -26.96
C THR A 106 0.98 12.01 -27.46
N GLN A 107 1.44 12.24 -28.68
CA GLN A 107 2.50 11.45 -29.29
C GLN A 107 3.81 11.78 -28.56
N VAL A 108 4.57 10.75 -28.22
CA VAL A 108 5.88 10.95 -27.62
C VAL A 108 6.91 10.68 -28.75
N ALA A 109 7.61 11.71 -29.21
CA ALA A 109 8.60 11.59 -30.29
C ALA A 109 9.94 11.08 -29.74
N ILE A 110 10.26 11.41 -28.47
CA ILE A 110 11.51 11.00 -27.83
C ILE A 110 11.19 10.28 -26.55
N GLU A 111 11.33 8.92 -26.56
CA GLU A 111 10.99 8.09 -25.39
C GLU A 111 11.92 8.37 -24.21
N ASN A 112 13.22 8.48 -24.47
CA ASN A 112 14.27 8.72 -23.46
C ASN A 112 14.95 10.01 -23.79
N LEU A 113 14.77 10.98 -22.93
CA LEU A 113 15.20 12.35 -23.15
C LEU A 113 16.26 12.82 -22.15
N PRO A 114 17.57 12.72 -22.53
CA PRO A 114 18.65 13.21 -21.63
C PRO A 114 18.81 14.73 -21.75
N LEU A 115 18.87 15.42 -20.62
CA LEU A 115 18.86 16.87 -20.57
C LEU A 115 20.20 17.54 -20.21
N ASP A 116 21.32 16.80 -20.00
CA ASP A 116 22.62 17.46 -19.65
C ASP A 116 23.01 18.48 -20.73
N ASN A 117 22.74 18.06 -21.97
CA ASN A 117 22.83 18.84 -23.18
C ASN A 117 21.42 18.66 -23.81
N ILE A 118 20.83 19.77 -24.28
CA ILE A 118 19.50 19.79 -24.93
C ILE A 118 19.71 20.16 -26.40
N THR A 119 19.57 19.19 -27.30
CA THR A 119 19.76 19.41 -28.74
C THR A 119 18.52 20.15 -29.26
N PRO A 120 18.55 20.78 -30.47
CA PRO A 120 17.33 21.43 -30.99
C PRO A 120 16.17 20.45 -31.12
N GLU A 121 16.45 19.18 -31.48
CA GLU A 121 15.42 18.16 -31.57
C GLU A 121 14.74 17.91 -30.19
N GLN A 122 15.55 17.84 -29.14
CA GLN A 122 15.07 17.62 -27.79
C GLN A 122 14.30 18.84 -27.31
N LYS A 123 14.80 20.03 -27.67
CA LYS A 123 14.12 21.29 -27.32
C LYS A 123 12.72 21.34 -27.97
N ALA A 124 12.62 20.90 -29.25
CA ALA A 124 11.33 20.89 -29.97
C ALA A 124 10.32 19.97 -29.23
N GLU A 125 10.79 18.84 -28.67
CA GLU A 125 9.94 17.92 -27.92
C GLU A 125 9.48 18.56 -26.60
N LEU A 126 10.39 19.22 -25.89
CA LEU A 126 10.05 19.94 -24.65
C LEU A 126 9.06 21.08 -24.94
N ASP A 127 9.27 21.81 -26.06
CA ASP A 127 8.39 22.92 -26.46
C ASP A 127 7.00 22.40 -26.83
N LYS A 128 6.91 21.22 -27.46
CA LYS A 128 5.64 20.59 -27.80
C LYS A 128 4.83 20.33 -26.52
N PHE A 129 5.46 19.67 -25.50
CA PHE A 129 4.77 19.39 -24.25
C PHE A 129 4.42 20.68 -23.51
N THR A 130 5.30 21.69 -23.54
CA THR A 130 5.02 23.00 -22.93
C THR A 130 3.71 23.58 -23.51
N LYS A 131 3.55 23.54 -24.83
CA LYS A 131 2.37 24.07 -25.53
C LYS A 131 1.11 23.28 -25.21
N ILE A 132 1.23 21.95 -25.18
CA ILE A 132 0.11 21.08 -24.81
C ILE A 132 -0.34 21.37 -23.33
N PHE A 133 0.61 21.68 -22.43
CA PHE A 133 0.37 21.95 -20.99
C PHE A 133 -0.09 23.36 -20.66
N GLU A 134 0.00 24.29 -21.62
CA GLU A 134 -0.47 25.65 -21.37
C GLU A 134 -2.01 25.51 -21.18
N GLY A 135 -2.51 25.95 -20.05
CA GLY A 135 -3.93 25.71 -19.72
C GLY A 135 -4.17 24.47 -18.86
N VAL A 136 -3.16 23.60 -18.71
CA VAL A 136 -3.23 22.41 -17.83
C VAL A 136 -2.68 22.86 -16.46
N LYS A 137 -3.43 22.57 -15.36
CA LYS A 137 -2.96 22.94 -14.02
C LYS A 137 -2.02 21.86 -13.48
N PHE A 138 -0.75 22.21 -13.28
CA PHE A 138 0.22 21.28 -12.71
C PHE A 138 0.36 21.44 -11.21
N GLY A 139 0.68 20.34 -10.55
CA GLY A 139 1.02 20.33 -9.15
C GLY A 139 2.32 19.56 -8.95
N VAL A 140 3.23 20.06 -8.11
CA VAL A 140 4.49 19.38 -7.78
C VAL A 140 4.77 19.60 -6.30
N GLN A 141 5.63 18.75 -5.71
CA GLN A 141 6.05 19.00 -4.34
C GLN A 141 7.08 20.16 -4.38
N ALA A 142 6.95 21.12 -3.44
CA ALA A 142 7.88 22.25 -3.31
C ALA A 142 9.31 21.73 -2.99
N GLY A 143 10.33 22.45 -3.46
CA GLY A 143 11.73 22.14 -3.20
C GLY A 143 12.29 20.92 -3.91
N THR A 144 11.62 20.47 -5.00
CA THR A 144 12.07 19.29 -5.74
C THR A 144 12.67 19.68 -7.07
N SER A 145 13.38 18.74 -7.72
CA SER A 145 13.88 18.98 -9.08
C SER A 145 12.64 19.09 -10.02
N HIS A 146 11.47 18.53 -9.62
CA HIS A 146 10.23 18.59 -10.41
C HIS A 146 9.80 20.06 -10.49
N GLU A 147 9.81 20.77 -9.34
CA GLU A 147 9.51 22.19 -9.32
C GLU A 147 10.53 22.97 -10.16
N ALA A 148 11.83 22.68 -9.98
CA ALA A 148 12.91 23.37 -10.70
C ALA A 148 12.72 23.22 -12.21
N PHE A 149 12.42 21.99 -12.67
CA PHE A 149 12.18 21.71 -14.10
C PHE A 149 11.01 22.54 -14.62
N MET A 150 9.85 22.48 -13.94
CA MET A 150 8.68 23.22 -14.40
C MET A 150 8.95 24.73 -14.47
N LYS A 151 9.60 25.31 -13.44
CA LYS A 151 9.87 26.75 -13.41
C LYS A 151 10.90 27.21 -14.43
N GLN A 152 11.92 26.38 -14.71
CA GLN A 152 12.98 26.74 -15.66
C GLN A 152 12.70 26.35 -17.11
N MET A 153 12.15 25.15 -17.31
CA MET A 153 11.92 24.59 -18.65
C MET A 153 10.53 24.84 -19.18
N MET A 154 9.51 24.96 -18.30
CA MET A 154 8.12 25.19 -18.73
C MET A 154 7.50 26.38 -17.96
N PRO A 155 8.17 27.56 -17.96
CA PRO A 155 7.69 28.69 -17.15
C PRO A 155 6.28 29.17 -17.44
N SER A 156 5.78 28.95 -18.67
CA SER A 156 4.44 29.37 -19.09
C SER A 156 3.34 28.47 -18.52
N VAL A 157 3.70 27.30 -17.96
CA VAL A 157 2.73 26.34 -17.41
C VAL A 157 2.39 26.75 -15.96
N GLN A 158 1.09 26.84 -15.65
CA GLN A 158 0.61 27.14 -14.29
C GLN A 158 1.00 25.99 -13.36
N ILE A 159 1.72 26.33 -12.30
CA ILE A 159 2.20 25.37 -11.34
C ILE A 159 1.74 25.75 -9.93
N SER A 160 1.32 24.74 -9.16
CA SER A 160 0.99 24.89 -7.74
C SER A 160 2.00 24.00 -7.03
N THR A 161 2.58 24.49 -5.92
CA THR A 161 3.55 23.69 -5.16
C THR A 161 2.94 23.24 -3.84
N TYR A 162 3.28 22.02 -3.43
CA TYR A 162 2.70 21.38 -2.26
C TYR A 162 3.75 21.00 -1.24
N ASP A 163 3.34 20.91 0.03
CA ASP A 163 4.25 20.49 1.09
C ASP A 163 4.74 19.05 0.88
N THR A 164 3.82 18.13 0.49
CA THR A 164 4.15 16.71 0.29
C THR A 164 3.61 16.21 -1.05
N ILE A 165 4.23 15.15 -1.59
CA ILE A 165 3.75 14.54 -2.82
C ILE A 165 2.35 13.87 -2.57
N ASP A 166 2.06 13.48 -1.30
CA ASP A 166 0.78 12.87 -0.95
C ASP A 166 -0.36 13.85 -1.21
N ASN A 167 -0.13 15.14 -0.91
CA ASN A 167 -1.12 16.19 -1.17
C ASN A 167 -1.28 16.46 -2.68
N VAL A 168 -0.16 16.32 -3.46
CA VAL A 168 -0.21 16.45 -4.93
C VAL A 168 -1.17 15.37 -5.47
N VAL A 169 -0.93 14.10 -5.05
CA VAL A 169 -1.72 12.95 -5.51
C VAL A 169 -3.20 13.11 -5.14
N MET A 170 -3.47 13.56 -3.89
CA MET A 170 -4.84 13.81 -3.41
C MET A 170 -5.54 14.83 -4.33
N ASP A 171 -4.87 15.94 -4.64
CA ASP A 171 -5.45 16.98 -5.49
C ASP A 171 -5.63 16.53 -6.96
N LEU A 172 -4.75 15.65 -7.45
CA LEU A 172 -4.88 15.11 -8.81
C LEU A 172 -6.11 14.20 -8.85
N LYS A 173 -6.26 13.34 -7.83
CA LYS A 173 -7.42 12.44 -7.72
C LYS A 173 -8.73 13.24 -7.61
N ALA A 174 -8.69 14.35 -6.85
CA ALA A 174 -9.86 15.22 -6.63
C ALA A 174 -10.19 16.13 -7.82
N GLY A 175 -9.26 16.28 -8.76
CA GLY A 175 -9.43 17.11 -9.94
C GLY A 175 -9.10 18.58 -9.74
N ARG A 176 -8.37 18.91 -8.65
CA ARG A 176 -7.95 20.28 -8.33
C ARG A 176 -6.73 20.67 -9.18
N ILE A 177 -5.98 19.65 -9.64
CA ILE A 177 -4.88 19.81 -10.59
C ILE A 177 -5.10 18.77 -11.68
N ASP A 178 -4.47 18.98 -12.83
CA ASP A 178 -4.61 18.11 -14.01
C ASP A 178 -3.48 17.16 -14.26
N ALA A 179 -2.27 17.50 -13.76
CA ALA A 179 -1.10 16.68 -14.05
C ALA A 179 0.00 16.96 -13.02
N SER A 180 0.98 16.09 -12.98
CA SER A 180 2.15 16.24 -12.11
C SER A 180 3.37 15.67 -12.84
N LEU A 181 4.50 15.70 -12.13
CA LEU A 181 5.80 15.26 -12.62
C LEU A 181 6.52 14.68 -11.44
N ALA A 182 7.14 13.51 -11.64
CA ALA A 182 7.95 12.85 -10.60
C ALA A 182 8.80 11.74 -11.25
N SER A 183 9.62 11.03 -10.47
CA SER A 183 10.41 9.96 -11.11
C SER A 183 9.54 8.74 -11.38
N VAL A 184 10.01 7.90 -12.33
CA VAL A 184 9.34 6.61 -12.58
C VAL A 184 9.38 5.78 -11.30
N SER A 185 10.47 5.90 -10.51
CA SER A 185 10.60 5.13 -9.26
C SER A 185 9.47 5.47 -8.26
N PHE A 186 8.93 6.68 -8.30
CA PHE A 186 7.78 7.06 -7.46
C PHE A 186 6.46 6.68 -8.18
N LEU A 187 6.37 7.03 -9.48
CA LEU A 187 5.10 6.88 -10.24
C LEU A 187 4.72 5.47 -10.60
N LYS A 188 5.71 4.61 -10.91
CA LYS A 188 5.40 3.22 -11.26
C LYS A 188 4.74 2.48 -10.07
N PRO A 189 5.35 2.43 -8.86
CA PRO A 189 4.65 1.77 -7.72
C PRO A 189 3.30 2.45 -7.44
N LEU A 190 3.20 3.79 -7.60
CA LEU A 190 1.94 4.50 -7.37
C LEU A 190 0.83 3.99 -8.32
N THR A 191 1.13 3.97 -9.63
CA THR A 191 0.17 3.58 -10.68
C THR A 191 -0.01 2.07 -10.77
N ASP A 192 0.90 1.27 -10.17
CA ASP A 192 0.77 -0.20 -10.16
C ASP A 192 -0.29 -0.62 -9.16
N LYS A 193 -0.58 0.23 -8.16
CA LYS A 193 -1.58 -0.11 -7.14
C LYS A 193 -2.97 -0.18 -7.78
N PRO A 194 -3.80 -1.21 -7.44
CA PRO A 194 -5.16 -1.27 -8.00
C PRO A 194 -5.98 -0.04 -7.53
N ASP A 195 -5.57 0.56 -6.40
CA ASP A 195 -6.13 1.78 -5.80
C ASP A 195 -6.04 2.97 -6.80
N ASN A 196 -5.03 2.93 -7.70
CA ASN A 196 -4.71 4.03 -8.61
C ASN A 196 -4.86 3.70 -10.09
N LYS A 197 -5.85 2.86 -10.43
CA LYS A 197 -6.16 2.50 -11.83
C LYS A 197 -6.61 3.74 -12.61
N ASP A 198 -7.09 4.77 -11.89
CA ASP A 198 -7.53 6.08 -12.42
C ASP A 198 -6.34 7.03 -12.69
N LEU A 199 -5.08 6.61 -12.42
CA LEU A 199 -3.87 7.41 -12.65
C LEU A 199 -2.95 6.75 -13.67
N LYS A 200 -2.33 7.56 -14.57
CA LYS A 200 -1.46 7.01 -15.62
C LYS A 200 -0.22 7.88 -15.86
N MET A 201 0.92 7.22 -16.07
CA MET A 201 2.18 7.88 -16.45
C MET A 201 2.10 8.18 -17.95
N PHE A 202 2.75 9.28 -18.41
CA PHE A 202 2.79 9.58 -19.83
C PHE A 202 3.93 10.53 -20.13
N GLY A 203 4.30 10.60 -21.40
CA GLY A 203 5.33 11.52 -21.86
C GLY A 203 6.71 10.93 -21.95
N PRO A 204 7.70 11.79 -22.30
CA PRO A 204 9.09 11.32 -22.35
C PRO A 204 9.57 10.93 -20.95
N ARG A 205 10.58 10.05 -20.90
CA ARG A 205 11.24 9.68 -19.66
C ARG A 205 12.55 10.50 -19.70
N MET A 206 12.67 11.47 -18.81
CA MET A 206 13.79 12.42 -18.83
C MET A 206 14.87 12.13 -17.78
N THR A 207 16.13 12.43 -18.11
CA THR A 207 17.24 12.26 -17.17
C THR A 207 18.17 13.47 -17.26
N GLY A 208 19.01 13.66 -16.24
CA GLY A 208 20.02 14.72 -16.26
C GLY A 208 19.49 16.13 -16.20
N GLY A 209 20.36 17.08 -16.57
CA GLY A 209 20.03 18.49 -16.48
C GLY A 209 19.70 18.84 -15.03
N LEU A 210 18.66 19.61 -14.81
CA LEU A 210 18.30 19.95 -13.43
C LEU A 210 17.78 18.76 -12.61
N PHE A 211 17.53 17.61 -13.26
CA PHE A 211 17.10 16.42 -12.49
C PHE A 211 18.30 15.76 -11.78
N GLY A 212 19.51 16.09 -12.20
CA GLY A 212 20.71 15.56 -11.57
C GLY A 212 21.15 14.17 -12.00
N LYS A 213 21.98 13.54 -11.16
CA LYS A 213 22.72 12.32 -11.42
C LYS A 213 22.33 11.08 -10.61
N GLY A 214 21.09 11.00 -10.14
CA GLY A 214 20.64 9.85 -9.38
C GLY A 214 20.36 10.20 -7.93
N VAL A 215 19.89 9.23 -7.14
CA VAL A 215 19.53 9.46 -5.73
C VAL A 215 20.79 9.19 -4.90
N GLY A 216 21.12 10.12 -4.01
CA GLY A 216 22.29 9.97 -3.17
C GLY A 216 22.05 10.29 -1.72
N VAL A 217 23.02 9.91 -0.88
CA VAL A 217 23.00 10.26 0.54
C VAL A 217 23.56 11.69 0.65
N GLY A 218 22.80 12.58 1.29
CA GLY A 218 23.23 13.96 1.51
C GLY A 218 24.11 14.02 2.72
N ILE A 219 25.29 14.63 2.59
CA ILE A 219 26.29 14.70 3.68
C ILE A 219 26.92 16.09 3.69
N ARG A 220 27.32 16.62 4.89
CA ARG A 220 27.99 17.93 4.92
C ARG A 220 29.28 17.86 4.10
N LYS A 221 29.63 18.94 3.39
CA LYS A 221 30.85 19.00 2.56
C LYS A 221 32.13 18.71 3.34
N GLU A 222 32.21 19.18 4.60
CA GLU A 222 33.41 18.99 5.44
C GLU A 222 33.58 17.54 5.92
N ASP A 223 32.51 16.71 5.85
CA ASP A 223 32.55 15.32 6.29
C ASP A 223 33.01 14.38 5.17
N ALA A 224 34.25 14.62 4.69
CA ALA A 224 34.87 13.85 3.61
C ALA A 224 35.01 12.36 3.96
N ASP A 225 35.36 12.05 5.22
CA ASP A 225 35.52 10.68 5.72
C ASP A 225 34.19 9.93 5.70
N LEU A 226 33.08 10.59 6.12
CA LEU A 226 31.75 9.99 6.11
C LEU A 226 31.30 9.69 4.67
N LYS A 227 31.60 10.59 3.71
CA LYS A 227 31.29 10.37 2.30
C LYS A 227 32.06 9.13 1.78
N ALA A 228 33.36 9.03 2.12
CA ALA A 228 34.20 7.90 1.73
C ALA A 228 33.65 6.56 2.25
N LEU A 229 33.19 6.53 3.52
CA LEU A 229 32.58 5.33 4.13
C LEU A 229 31.29 4.94 3.40
N PHE A 230 30.40 5.94 3.13
CA PHE A 230 29.16 5.67 2.39
C PHE A 230 29.42 5.18 0.98
N ASP A 231 30.38 5.80 0.25
CA ASP A 231 30.73 5.43 -1.13
C ASP A 231 31.21 3.98 -1.21
N LYS A 232 32.05 3.56 -0.26
CA LYS A 232 32.56 2.18 -0.18
C LYS A 232 31.40 1.20 0.11
N ALA A 233 30.50 1.57 1.05
CA ALA A 233 29.36 0.73 1.44
C ALA A 233 28.36 0.58 0.28
N ILE A 234 28.09 1.69 -0.45
CA ILE A 234 27.17 1.70 -1.61
C ILE A 234 27.74 0.85 -2.75
N ASP A 235 29.04 1.02 -3.06
CA ASP A 235 29.69 0.19 -4.09
C ASP A 235 29.55 -1.31 -3.77
N ALA A 236 29.72 -1.69 -2.49
CA ALA A 236 29.61 -3.10 -2.05
C ALA A 236 28.15 -3.60 -2.12
N ALA A 237 27.19 -2.74 -1.71
CA ALA A 237 25.76 -3.07 -1.74
C ALA A 237 25.22 -3.23 -3.17
N ILE A 238 25.78 -2.45 -4.12
CA ILE A 238 25.41 -2.57 -5.54
C ILE A 238 26.02 -3.88 -6.07
N ALA A 239 27.35 -4.05 -5.86
CA ALA A 239 28.11 -5.21 -6.31
C ALA A 239 27.54 -6.56 -5.92
N ASP A 240 27.04 -6.72 -4.67
CA ASP A 240 26.54 -8.00 -4.19
C ASP A 240 25.02 -8.23 -4.44
N GLY A 241 24.38 -7.27 -5.13
CA GLY A 241 22.97 -7.38 -5.48
C GLY A 241 21.98 -6.93 -4.43
N THR A 242 22.46 -6.37 -3.29
CA THR A 242 21.58 -5.89 -2.21
C THR A 242 20.66 -4.76 -2.70
N VAL A 243 21.21 -3.77 -3.43
CA VAL A 243 20.41 -2.65 -3.91
C VAL A 243 19.33 -3.18 -4.90
N GLN A 244 19.71 -4.10 -5.80
CA GLN A 244 18.78 -4.71 -6.75
C GLN A 244 17.64 -5.41 -6.00
N LYS A 245 17.99 -6.18 -4.95
CA LYS A 245 17.03 -6.93 -4.12
C LYS A 245 16.04 -5.97 -3.43
N LEU A 246 16.56 -4.90 -2.79
CA LEU A 246 15.72 -3.93 -2.09
C LEU A 246 14.86 -3.13 -3.07
N SER A 247 15.41 -2.80 -4.26
CA SER A 247 14.69 -2.10 -5.32
C SER A 247 13.48 -2.94 -5.76
N GLN A 248 13.69 -4.23 -6.03
CA GLN A 248 12.60 -5.13 -6.45
C GLN A 248 11.51 -5.21 -5.35
N GLN A 249 11.92 -5.30 -4.09
CA GLN A 249 11.05 -5.44 -2.94
C GLN A 249 10.14 -4.20 -2.75
N TRP A 250 10.73 -3.01 -2.82
CA TRP A 250 9.98 -1.77 -2.59
C TRP A 250 9.33 -1.16 -3.82
N PHE A 251 10.01 -1.19 -4.98
CA PHE A 251 9.55 -0.57 -6.23
C PHE A 251 8.86 -1.53 -7.20
N GLY A 252 9.06 -2.83 -7.03
CA GLY A 252 8.52 -3.84 -7.92
C GLY A 252 9.33 -4.02 -9.19
N TYR A 253 10.49 -3.35 -9.28
CA TYR A 253 11.43 -3.44 -10.41
C TYR A 253 12.85 -3.03 -9.99
N ASP A 254 13.82 -3.24 -10.88
CA ASP A 254 15.22 -2.95 -10.59
C ASP A 254 15.66 -1.56 -11.07
N ALA A 255 15.81 -0.61 -10.13
CA ALA A 255 16.28 0.74 -10.44
C ALA A 255 17.72 0.96 -9.91
N SER A 256 18.42 -0.14 -9.55
CA SER A 256 19.77 -0.04 -9.01
C SER A 256 20.78 0.45 -10.07
N PRO A 257 21.81 1.24 -9.69
CA PRO A 257 22.82 1.67 -10.67
C PRO A 257 23.77 0.53 -11.06
N LYS A 258 24.55 0.73 -12.13
CA LYS A 258 25.57 -0.24 -12.59
C LYS A 258 26.97 0.19 -12.11
N GLN A 259 27.90 -0.78 -11.95
CA GLN A 259 29.29 -0.52 -11.57
C GLN A 259 30.03 0.25 -12.70
N HIS A 260 31.28 0.72 -12.45
CA HIS A 260 32.13 1.53 -13.36
C HIS A 260 31.41 2.83 -13.82
N HIS A 261 30.38 3.25 -13.06
CA HIS A 261 29.53 4.44 -13.26
C HIS A 261 28.85 4.47 -14.61
N TYR B 4 -36.01 -4.68 -10.14
CA TYR B 4 -35.32 -3.52 -9.55
C TYR B 4 -34.74 -2.60 -10.64
N LYS B 5 -34.49 -1.33 -10.26
CA LYS B 5 -33.90 -0.33 -11.16
C LYS B 5 -32.58 0.18 -10.59
N SER B 6 -32.55 0.43 -9.26
CA SER B 6 -31.40 0.94 -8.53
C SER B 6 -31.32 0.32 -7.13
N ILE B 7 -30.09 -0.02 -6.67
CA ILE B 7 -29.85 -0.55 -5.32
C ILE B 7 -28.67 0.15 -4.65
N THR B 8 -28.80 0.36 -3.33
CA THR B 8 -27.77 0.98 -2.53
C THR B 8 -27.06 -0.15 -1.78
N ILE B 9 -25.72 -0.22 -1.92
CA ILE B 9 -24.93 -1.26 -1.26
C ILE B 9 -24.05 -0.60 -0.20
N ALA B 10 -24.15 -1.08 1.04
CA ALA B 10 -23.33 -0.57 2.12
C ALA B 10 -22.03 -1.32 2.22
N THR B 11 -20.97 -0.59 2.53
CA THR B 11 -19.65 -1.14 2.78
C THR B 11 -19.02 -0.34 3.91
N GLU B 12 -17.98 -0.91 4.52
CA GLU B 12 -17.34 -0.25 5.65
C GLU B 12 -16.31 0.78 5.23
N GLY B 13 -15.35 0.38 4.41
CA GLY B 13 -14.28 1.24 3.94
C GLY B 13 -13.04 1.21 4.83
N SER B 14 -12.90 0.20 5.72
CA SER B 14 -11.73 0.05 6.58
C SER B 14 -11.23 -1.40 6.60
N TYR B 15 -11.38 -2.13 5.48
CA TYR B 15 -10.97 -3.53 5.41
C TYR B 15 -10.30 -3.85 4.08
N ALA B 16 -9.10 -3.29 3.88
CA ALA B 16 -8.34 -3.49 2.65
C ALA B 16 -7.90 -4.95 2.50
N PRO B 17 -7.92 -5.52 1.28
CA PRO B 17 -8.28 -4.91 -0.01
C PRO B 17 -9.73 -5.12 -0.45
N TYR B 18 -10.62 -5.53 0.48
CA TYR B 18 -12.03 -5.72 0.15
C TYR B 18 -12.73 -4.36 -0.05
N ASN B 19 -12.60 -3.49 0.94
CA ASN B 19 -13.26 -2.19 0.92
C ASN B 19 -12.48 -1.22 1.75
N PHE B 20 -11.94 -0.19 1.11
CA PHE B 20 -11.15 0.84 1.76
C PHE B 20 -11.22 2.15 0.97
N LYS B 21 -10.40 3.12 1.34
CA LYS B 21 -10.44 4.42 0.70
C LYS B 21 -9.14 4.73 -0.03
N ASP B 22 -9.23 5.33 -1.22
CA ASP B 22 -8.03 5.72 -1.98
C ASP B 22 -7.51 7.06 -1.44
N ALA B 23 -6.49 7.64 -2.10
CA ALA B 23 -5.91 8.93 -1.72
C ALA B 23 -6.93 10.09 -1.74
N GLY B 24 -7.93 10.01 -2.62
CA GLY B 24 -8.99 11.01 -2.75
C GLY B 24 -10.19 10.80 -1.86
N GLY B 25 -10.15 9.75 -1.03
CA GLY B 25 -11.24 9.39 -0.11
C GLY B 25 -12.37 8.60 -0.72
N LYS B 26 -12.21 8.14 -1.98
CA LYS B 26 -13.24 7.35 -2.69
C LYS B 26 -13.22 5.89 -2.22
N LEU B 27 -14.41 5.25 -2.12
CA LEU B 27 -14.50 3.82 -1.75
C LEU B 27 -13.99 2.96 -2.89
N ILE B 28 -13.01 2.09 -2.58
CA ILE B 28 -12.37 1.21 -3.57
C ILE B 28 -12.19 -0.18 -2.99
N GLY B 29 -11.85 -1.13 -3.86
CA GLY B 29 -11.56 -2.48 -3.40
C GLY B 29 -12.32 -3.56 -4.13
N PHE B 30 -11.99 -4.81 -3.80
CA PHE B 30 -12.61 -5.98 -4.40
C PHE B 30 -14.14 -5.93 -4.30
N ASP B 31 -14.69 -5.60 -3.10
CA ASP B 31 -16.15 -5.55 -2.90
C ASP B 31 -16.82 -4.51 -3.81
N ILE B 32 -16.16 -3.36 -4.00
CA ILE B 32 -16.65 -2.26 -4.83
C ILE B 32 -16.65 -2.68 -6.30
N ASP B 33 -15.50 -3.20 -6.78
CA ASP B 33 -15.36 -3.66 -8.15
C ASP B 33 -16.34 -4.80 -8.45
N LEU B 34 -16.46 -5.78 -7.52
CA LEU B 34 -17.39 -6.88 -7.73
C LEU B 34 -18.85 -6.44 -7.69
N GLY B 35 -19.20 -5.60 -6.71
CA GLY B 35 -20.54 -5.05 -6.57
C GLY B 35 -20.98 -4.34 -7.84
N ASN B 36 -20.10 -3.49 -8.41
CA ASN B 36 -20.40 -2.78 -9.65
C ASN B 36 -20.58 -3.73 -10.82
N ASP B 37 -19.74 -4.78 -10.89
CA ASP B 37 -19.80 -5.80 -11.94
C ASP B 37 -21.12 -6.58 -11.84
N LEU B 38 -21.52 -7.01 -10.62
CA LEU B 38 -22.76 -7.75 -10.39
C LEU B 38 -24.01 -6.95 -10.80
N CYS B 39 -24.07 -5.66 -10.41
CA CYS B 39 -25.18 -4.78 -10.76
C CYS B 39 -25.31 -4.55 -12.26
N LYS B 40 -24.16 -4.52 -12.97
CA LYS B 40 -24.10 -4.38 -14.42
C LYS B 40 -24.77 -5.61 -15.07
N ARG B 41 -24.51 -6.82 -14.51
CA ARG B 41 -25.08 -8.09 -14.97
C ARG B 41 -26.58 -8.17 -14.71
N MET B 42 -27.04 -7.54 -13.61
CA MET B 42 -28.43 -7.50 -13.17
C MET B 42 -29.24 -6.41 -13.90
N ASN B 43 -28.53 -5.48 -14.60
CA ASN B 43 -29.08 -4.32 -15.31
C ASN B 43 -29.75 -3.37 -14.30
N ILE B 44 -28.99 -3.08 -13.23
CA ILE B 44 -29.41 -2.24 -12.11
C ILE B 44 -28.33 -1.20 -11.80
N GLU B 45 -28.77 0.02 -11.45
CA GLU B 45 -27.90 1.14 -11.08
C GLU B 45 -27.30 0.84 -9.70
N CYS B 46 -25.97 0.97 -9.59
CA CYS B 46 -25.23 0.68 -8.36
C CYS B 46 -24.75 1.94 -7.64
N LYS B 47 -25.03 2.02 -6.34
CA LYS B 47 -24.57 3.12 -5.47
C LYS B 47 -23.98 2.54 -4.17
N PHE B 48 -22.67 2.76 -3.95
CA PHE B 48 -22.01 2.32 -2.72
C PHE B 48 -22.05 3.42 -1.68
N VAL B 49 -22.41 3.07 -0.45
CA VAL B 49 -22.46 4.00 0.68
C VAL B 49 -21.55 3.50 1.80
N GLU B 50 -20.94 4.44 2.53
CA GLU B 50 -20.08 4.08 3.66
C GLU B 50 -20.95 3.92 4.92
N GLN B 51 -20.72 2.82 5.65
CA GLN B 51 -21.45 2.52 6.89
C GLN B 51 -20.48 1.83 7.85
N ALA B 52 -20.40 2.31 9.10
CA ALA B 52 -19.54 1.69 10.11
C ALA B 52 -19.97 0.23 10.32
N TRP B 53 -18.99 -0.66 10.53
CA TRP B 53 -19.20 -2.09 10.73
C TRP B 53 -20.19 -2.35 11.88
N ASP B 54 -20.07 -1.61 12.98
CA ASP B 54 -20.90 -1.78 14.17
C ASP B 54 -22.44 -1.91 13.93
N GLY B 55 -23.05 -1.04 13.12
CA GLY B 55 -24.48 -1.13 12.86
C GLY B 55 -24.84 -1.47 11.43
N ILE B 56 -23.90 -2.08 10.67
CA ILE B 56 -24.12 -2.43 9.27
C ILE B 56 -25.32 -3.41 9.10
N ILE B 57 -25.49 -4.43 9.99
CA ILE B 57 -26.62 -5.37 9.87
C ILE B 57 -27.94 -4.68 10.29
N PRO B 58 -28.01 -4.01 11.49
CA PRO B 58 -29.28 -3.34 11.85
C PRO B 58 -29.75 -2.31 10.83
N SER B 59 -28.82 -1.54 10.21
CA SER B 59 -29.21 -0.55 9.19
C SER B 59 -29.71 -1.21 7.88
N LEU B 60 -29.31 -2.48 7.62
CA LEU B 60 -29.82 -3.25 6.47
C LEU B 60 -31.27 -3.66 6.76
N THR B 61 -31.52 -4.23 7.95
CA THR B 61 -32.87 -4.68 8.33
C THR B 61 -33.83 -3.51 8.50
N ALA B 62 -33.30 -2.31 8.84
CA ALA B 62 -34.10 -1.08 8.99
C ALA B 62 -34.42 -0.43 7.62
N GLY B 63 -33.83 -0.96 6.55
CA GLY B 63 -34.08 -0.49 5.20
C GLY B 63 -33.35 0.78 4.77
N ARG B 64 -32.19 1.06 5.40
CA ARG B 64 -31.39 2.23 5.03
C ARG B 64 -30.63 2.04 3.71
N TYR B 65 -30.51 0.77 3.27
CA TYR B 65 -29.90 0.34 2.01
C TYR B 65 -30.38 -1.08 1.66
N ASP B 66 -30.07 -1.57 0.45
CA ASP B 66 -30.57 -2.87 -0.03
C ASP B 66 -29.67 -4.08 0.20
N ALA B 67 -28.37 -3.87 0.32
CA ALA B 67 -27.42 -4.98 0.48
C ALA B 67 -26.15 -4.55 1.18
N ILE B 68 -25.37 -5.55 1.64
CA ILE B 68 -24.07 -5.34 2.28
C ILE B 68 -23.00 -6.11 1.49
N MET B 69 -21.92 -5.43 1.12
CA MET B 69 -20.74 -6.07 0.53
C MET B 69 -19.60 -5.47 1.29
N ALA B 70 -19.19 -6.13 2.38
CA ALA B 70 -18.20 -5.59 3.29
C ALA B 70 -17.36 -6.70 3.92
N ALA B 71 -16.85 -7.62 3.07
CA ALA B 71 -16.05 -8.79 3.50
C ALA B 71 -16.84 -9.57 4.55
N MET B 72 -18.17 -9.67 4.40
CA MET B 72 -18.98 -10.32 5.41
C MET B 72 -19.12 -11.81 5.21
N GLY B 73 -18.61 -12.58 6.18
CA GLY B 73 -18.73 -14.04 6.13
C GLY B 73 -20.16 -14.50 6.35
N ILE B 74 -20.55 -15.59 5.66
CA ILE B 74 -21.88 -16.21 5.77
C ILE B 74 -21.76 -17.07 7.02
N GLN B 75 -21.92 -16.39 8.16
CA GLN B 75 -21.71 -16.82 9.52
C GLN B 75 -23.02 -17.30 10.17
N PRO B 76 -23.02 -18.45 10.88
CA PRO B 76 -24.28 -18.99 11.44
C PRO B 76 -25.15 -18.03 12.25
N ALA B 77 -24.55 -17.18 13.12
CA ALA B 77 -25.31 -16.22 13.93
C ALA B 77 -25.96 -15.15 13.06
N ARG B 78 -25.25 -14.68 12.01
CA ARG B 78 -25.76 -13.67 11.08
C ARG B 78 -26.94 -14.23 10.28
N GLU B 79 -26.86 -15.52 9.87
CA GLU B 79 -27.88 -16.25 9.11
C GLU B 79 -29.24 -16.31 9.83
N LYS B 80 -29.27 -15.98 11.14
CA LYS B 80 -30.50 -15.91 11.93
C LYS B 80 -31.17 -14.56 11.74
N VAL B 81 -30.41 -13.54 11.31
CA VAL B 81 -30.90 -12.16 11.18
C VAL B 81 -31.17 -11.74 9.73
N ILE B 82 -30.24 -12.08 8.81
CA ILE B 82 -30.34 -11.70 7.40
C ILE B 82 -30.09 -12.91 6.51
N ALA B 83 -30.32 -12.73 5.21
CA ALA B 83 -30.05 -13.75 4.21
C ALA B 83 -28.73 -13.38 3.55
N PHE B 84 -28.15 -14.34 2.81
CA PHE B 84 -26.92 -14.11 2.09
C PHE B 84 -27.04 -14.67 0.70
N SER B 85 -26.30 -14.08 -0.24
CA SER B 85 -26.17 -14.59 -1.58
C SER B 85 -25.25 -15.81 -1.44
N ARG B 86 -25.07 -16.56 -2.50
CA ARG B 86 -24.11 -17.65 -2.48
C ARG B 86 -22.71 -17.01 -2.33
N PRO B 87 -21.70 -17.75 -1.81
CA PRO B 87 -20.39 -17.10 -1.61
C PRO B 87 -19.69 -16.60 -2.87
N TYR B 88 -19.02 -15.45 -2.75
CA TYR B 88 -18.26 -14.89 -3.88
C TYR B 88 -16.75 -14.95 -3.63
N LEU B 89 -16.33 -15.39 -2.44
CA LEU B 89 -14.92 -15.58 -2.07
C LEU B 89 -14.84 -16.60 -0.93
N LEU B 90 -13.82 -17.48 -0.95
CA LEU B 90 -13.63 -18.51 0.08
C LEU B 90 -12.22 -18.40 0.62
N THR B 91 -12.07 -18.36 1.96
CA THR B 91 -10.74 -18.21 2.56
C THR B 91 -10.63 -18.81 3.96
N PRO B 92 -9.48 -19.43 4.32
CA PRO B 92 -9.29 -19.89 5.72
C PRO B 92 -8.91 -18.73 6.63
N MET B 93 -8.92 -18.96 7.94
CA MET B 93 -8.57 -17.99 8.97
C MET B 93 -7.27 -18.42 9.58
N THR B 94 -6.44 -17.45 9.98
CA THR B 94 -5.18 -17.80 10.64
C THR B 94 -4.77 -16.69 11.61
N PHE B 95 -3.69 -16.94 12.38
CA PHE B 95 -3.22 -15.99 13.37
C PHE B 95 -2.18 -15.03 12.83
N LEU B 96 -2.03 -13.89 13.49
CA LEU B 96 -1.07 -12.86 13.11
C LEU B 96 -0.28 -12.42 14.35
N THR B 97 1.03 -12.26 14.18
CA THR B 97 1.88 -11.72 15.24
C THR B 97 3.05 -10.98 14.61
N THR B 98 4.03 -10.53 15.41
CA THR B 98 5.22 -9.86 14.92
C THR B 98 6.28 -10.92 14.58
N ALA B 99 7.19 -10.59 13.65
CA ALA B 99 8.26 -11.47 13.18
C ALA B 99 9.22 -11.94 14.29
N ASP B 100 9.38 -11.16 15.38
CA ASP B 100 10.27 -11.50 16.49
C ASP B 100 9.56 -12.23 17.65
N SER B 101 8.26 -12.50 17.49
CA SER B 101 7.46 -13.12 18.54
C SER B 101 7.86 -14.55 18.91
N PRO B 102 7.97 -14.87 20.23
CA PRO B 102 8.21 -16.25 20.64
C PRO B 102 7.06 -17.20 20.27
N LEU B 103 5.86 -16.65 19.91
CA LEU B 103 4.69 -17.43 19.45
C LEU B 103 4.99 -18.21 18.16
N LEU B 104 5.98 -17.75 17.39
CA LEU B 104 6.38 -18.41 16.16
C LEU B 104 7.15 -19.71 16.37
N LYS B 105 7.62 -19.95 17.60
CA LYS B 105 8.37 -21.16 17.93
C LYS B 105 7.47 -22.35 18.22
N THR B 106 6.15 -22.16 18.18
CA THR B 106 5.20 -23.25 18.39
C THR B 106 4.97 -24.00 17.07
N GLN B 107 5.27 -25.31 17.05
CA GLN B 107 5.11 -26.17 15.87
C GLN B 107 3.62 -26.33 15.51
N VAL B 108 3.29 -26.26 14.21
CA VAL B 108 1.92 -26.47 13.71
C VAL B 108 1.82 -27.94 13.29
N ALA B 109 1.04 -28.74 14.03
CA ALA B 109 0.87 -30.16 13.71
C ALA B 109 -0.19 -30.37 12.61
N ILE B 110 -1.18 -29.45 12.52
CA ILE B 110 -2.25 -29.53 11.53
C ILE B 110 -2.30 -28.22 10.76
N GLU B 111 -1.78 -28.25 9.52
CA GLU B 111 -1.71 -27.08 8.63
C GLU B 111 -3.11 -26.56 8.25
N ASN B 112 -4.01 -27.48 7.86
CA ASN B 112 -5.38 -27.17 7.46
C ASN B 112 -6.33 -27.79 8.44
N LEU B 113 -6.99 -26.93 9.21
CA LEU B 113 -7.87 -27.33 10.31
C LEU B 113 -9.36 -27.01 10.06
N PRO B 114 -10.15 -27.95 9.46
CA PRO B 114 -11.59 -27.69 9.28
C PRO B 114 -12.30 -27.82 10.63
N LEU B 115 -13.24 -26.90 10.93
CA LEU B 115 -13.95 -26.83 12.22
C LEU B 115 -15.41 -27.29 12.23
N ASP B 116 -15.96 -27.67 11.06
CA ASP B 116 -17.35 -28.15 10.94
C ASP B 116 -17.55 -29.35 11.87
N ASN B 117 -16.55 -30.23 11.90
CA ASN B 117 -16.41 -31.37 12.79
C ASN B 117 -15.03 -31.18 13.42
N ILE B 118 -14.94 -31.38 14.74
CA ILE B 118 -13.66 -31.22 15.43
C ILE B 118 -13.32 -32.56 16.05
N THR B 119 -12.24 -33.18 15.57
CA THR B 119 -11.77 -34.49 16.05
C THR B 119 -10.90 -34.28 17.33
N PRO B 120 -10.51 -35.34 18.10
CA PRO B 120 -9.64 -35.10 19.26
C PRO B 120 -8.29 -34.51 18.85
N GLU B 121 -7.73 -34.88 17.68
CA GLU B 121 -6.45 -34.32 17.19
C GLU B 121 -6.55 -32.82 16.85
N GLN B 122 -7.70 -32.43 16.27
CA GLN B 122 -7.97 -31.02 15.93
C GLN B 122 -8.21 -30.24 17.22
N LYS B 123 -8.83 -30.87 18.24
CA LYS B 123 -9.04 -30.25 19.55
C LYS B 123 -7.68 -30.03 20.27
N ALA B 124 -6.78 -31.05 20.21
CA ALA B 124 -5.45 -30.97 20.83
C ALA B 124 -4.62 -29.82 20.25
N GLU B 125 -4.73 -29.58 18.93
CA GLU B 125 -4.05 -28.48 18.24
C GLU B 125 -4.61 -27.13 18.70
N LEU B 126 -5.96 -27.01 18.79
CA LEU B 126 -6.63 -25.80 19.28
C LEU B 126 -6.24 -25.52 20.75
N ASP B 127 -6.17 -26.58 21.58
CA ASP B 127 -5.81 -26.48 23.00
C ASP B 127 -4.36 -26.02 23.16
N LYS B 128 -3.46 -26.50 22.27
CA LYS B 128 -2.05 -26.11 22.27
C LYS B 128 -1.94 -24.57 22.07
N PHE B 129 -2.62 -24.04 21.03
CA PHE B 129 -2.59 -22.61 20.77
C PHE B 129 -3.28 -21.82 21.86
N THR B 130 -4.38 -22.33 22.44
CA THR B 130 -5.07 -21.69 23.57
C THR B 130 -4.07 -21.46 24.73
N LYS B 131 -3.25 -22.49 25.05
CA LYS B 131 -2.26 -22.43 26.12
C LYS B 131 -1.14 -21.41 25.85
N ILE B 132 -0.61 -21.33 24.60
CA ILE B 132 0.43 -20.33 24.29
C ILE B 132 -0.17 -18.90 24.20
N PHE B 133 -1.50 -18.78 24.07
CA PHE B 133 -2.16 -17.47 24.01
C PHE B 133 -2.64 -16.93 25.35
N GLU B 134 -2.73 -17.75 26.39
CA GLU B 134 -3.25 -17.29 27.70
C GLU B 134 -2.49 -16.09 28.30
N GLY B 135 -1.17 -16.10 28.22
CA GLY B 135 -0.34 -15.00 28.72
C GLY B 135 0.06 -14.00 27.65
N VAL B 136 -0.86 -13.75 26.68
CA VAL B 136 -0.66 -12.86 25.54
C VAL B 136 -1.83 -11.87 25.36
N LYS B 137 -1.52 -10.60 25.04
CA LYS B 137 -2.52 -9.56 24.76
C LYS B 137 -3.03 -9.80 23.32
N PHE B 138 -4.32 -10.11 23.18
CA PHE B 138 -4.94 -10.47 21.89
C PHE B 138 -5.97 -9.41 21.46
N GLY B 139 -5.96 -9.04 20.17
CA GLY B 139 -6.87 -8.03 19.64
C GLY B 139 -7.60 -8.49 18.41
N VAL B 140 -8.90 -8.19 18.31
CA VAL B 140 -9.72 -8.55 17.14
C VAL B 140 -10.66 -7.38 16.87
N GLN B 141 -11.23 -7.31 15.65
CA GLN B 141 -12.24 -6.31 15.36
C GLN B 141 -13.55 -6.82 16.02
N ALA B 142 -14.30 -5.93 16.70
CA ALA B 142 -15.58 -6.26 17.32
C ALA B 142 -16.61 -6.65 16.24
N GLY B 143 -17.52 -7.55 16.60
CA GLY B 143 -18.59 -8.02 15.74
C GLY B 143 -18.18 -8.91 14.58
N THR B 144 -17.00 -9.55 14.67
CA THR B 144 -16.49 -10.43 13.61
C THR B 144 -16.58 -11.90 14.04
N SER B 145 -16.37 -12.81 13.09
CA SER B 145 -16.28 -14.24 13.35
C SER B 145 -14.97 -14.52 14.11
N HIS B 146 -14.00 -13.57 14.04
CA HIS B 146 -12.73 -13.66 14.76
C HIS B 146 -13.03 -13.52 16.25
N GLU B 147 -13.87 -12.52 16.62
CA GLU B 147 -14.29 -12.34 18.01
C GLU B 147 -15.10 -13.57 18.48
N ALA B 148 -16.05 -14.05 17.63
CA ALA B 148 -16.88 -15.23 17.96
C ALA B 148 -16.02 -16.47 18.23
N PHE B 149 -15.00 -16.71 17.38
CA PHE B 149 -14.07 -17.83 17.56
C PHE B 149 -13.34 -17.72 18.88
N MET B 150 -12.72 -16.56 19.17
CA MET B 150 -11.97 -16.39 20.41
C MET B 150 -12.85 -16.59 21.63
N LYS B 151 -14.06 -16.03 21.64
CA LYS B 151 -14.96 -16.14 22.80
C LYS B 151 -15.53 -17.55 23.01
N GLN B 152 -15.76 -18.30 21.92
CA GLN B 152 -16.34 -19.65 21.99
C GLN B 152 -15.29 -20.76 22.09
N MET B 153 -14.21 -20.66 21.31
CA MET B 153 -13.17 -21.69 21.24
C MET B 153 -11.97 -21.48 22.15
N MET B 154 -11.66 -20.21 22.48
CA MET B 154 -10.52 -19.89 23.35
C MET B 154 -10.97 -18.92 24.47
N PRO B 155 -12.05 -19.28 25.25
CA PRO B 155 -12.58 -18.35 26.26
C PRO B 155 -11.60 -17.91 27.35
N SER B 156 -10.54 -18.71 27.60
CA SER B 156 -9.52 -18.39 28.60
C SER B 156 -8.56 -17.30 28.16
N VAL B 157 -8.55 -16.96 26.85
CA VAL B 157 -7.67 -15.93 26.28
C VAL B 157 -8.34 -14.55 26.48
N GLN B 158 -7.68 -13.63 27.19
CA GLN B 158 -8.25 -12.30 27.39
C GLN B 158 -8.03 -11.49 26.12
N ILE B 159 -9.12 -11.06 25.49
CA ILE B 159 -9.10 -10.33 24.22
C ILE B 159 -9.60 -8.90 24.36
N SER B 160 -9.09 -8.03 23.49
CA SER B 160 -9.48 -6.62 23.37
C SER B 160 -10.17 -6.52 22.02
N THR B 161 -11.31 -5.83 21.97
CA THR B 161 -12.05 -5.68 20.71
C THR B 161 -11.92 -4.25 20.22
N TYR B 162 -11.81 -4.09 18.90
CA TYR B 162 -11.58 -2.80 18.27
C TYR B 162 -12.67 -2.43 17.29
N ASP B 163 -12.84 -1.12 17.06
CA ASP B 163 -13.83 -0.65 16.08
C ASP B 163 -13.46 -1.10 14.67
N THR B 164 -12.17 -1.02 14.28
CA THR B 164 -11.70 -1.40 12.94
C THR B 164 -10.49 -2.32 13.01
N ILE B 165 -10.26 -3.10 11.94
CA ILE B 165 -9.08 -3.95 11.87
C ILE B 165 -7.81 -3.08 11.75
N ASP B 166 -7.94 -1.84 11.20
CA ASP B 166 -6.82 -0.92 11.06
C ASP B 166 -6.26 -0.56 12.43
N ASN B 167 -7.14 -0.38 13.43
CA ASN B 167 -6.72 -0.10 14.79
C ASN B 167 -6.07 -1.32 15.44
N VAL B 168 -6.54 -2.56 15.09
CA VAL B 168 -5.92 -3.80 15.59
C VAL B 168 -4.46 -3.83 15.09
N VAL B 169 -4.28 -3.64 13.76
CA VAL B 169 -2.96 -3.69 13.13
C VAL B 169 -2.02 -2.62 13.71
N MET B 170 -2.54 -1.37 13.90
CA MET B 170 -1.79 -0.27 14.48
C MET B 170 -1.28 -0.67 15.86
N ASP B 171 -2.16 -1.24 16.72
CA ASP B 171 -1.79 -1.65 18.07
C ASP B 171 -0.79 -2.81 18.08
N LEU B 172 -0.88 -3.73 17.11
CA LEU B 172 0.06 -4.85 17.01
C LEU B 172 1.44 -4.31 16.62
N LYS B 173 1.48 -3.39 15.65
CA LYS B 173 2.73 -2.75 15.22
C LYS B 173 3.35 -1.95 16.36
N ALA B 174 2.52 -1.26 17.16
CA ALA B 174 2.97 -0.42 18.28
C ALA B 174 3.35 -1.24 19.52
N GLY B 175 2.97 -2.51 19.56
CA GLY B 175 3.28 -3.40 20.69
C GLY B 175 2.29 -3.34 21.84
N ARG B 176 1.09 -2.76 21.60
CA ARG B 176 0.02 -2.65 22.60
C ARG B 176 -0.72 -4.00 22.72
N ILE B 177 -0.70 -4.78 21.62
CA ILE B 177 -1.24 -6.14 21.53
C ILE B 177 -0.18 -7.03 20.93
N ASP B 178 -0.20 -8.31 21.30
CA ASP B 178 0.79 -9.30 20.87
C ASP B 178 0.35 -10.15 19.70
N ALA B 179 -0.96 -10.33 19.48
CA ALA B 179 -1.45 -11.18 18.39
C ALA B 179 -2.86 -10.85 17.95
N SER B 180 -3.25 -11.35 16.77
CA SER B 180 -4.60 -11.19 16.24
C SER B 180 -5.01 -12.44 15.44
N LEU B 181 -6.22 -12.40 14.88
CA LEU B 181 -6.81 -13.45 14.09
C LEU B 181 -7.64 -12.78 12.99
N ALA B 182 -7.51 -13.27 11.75
CA ALA B 182 -8.29 -12.79 10.59
C ALA B 182 -8.17 -13.79 9.44
N SER B 183 -8.83 -13.54 8.30
CA SER B 183 -8.71 -14.48 7.18
C SER B 183 -7.38 -14.32 6.49
N VAL B 184 -6.97 -15.36 5.76
CA VAL B 184 -5.77 -15.31 4.92
C VAL B 184 -5.99 -14.23 3.86
N SER B 185 -7.24 -14.06 3.36
CA SER B 185 -7.53 -13.04 2.34
C SER B 185 -7.22 -11.62 2.83
N PHE B 186 -7.31 -11.38 4.15
CA PHE B 186 -6.91 -10.09 4.72
C PHE B 186 -5.39 -10.09 5.05
N LEU B 187 -4.92 -11.15 5.72
CA LEU B 187 -3.55 -11.23 6.24
C LEU B 187 -2.47 -11.44 5.21
N LYS B 188 -2.74 -12.18 4.14
CA LYS B 188 -1.74 -12.41 3.08
C LYS B 188 -1.39 -11.09 2.39
N PRO B 189 -2.34 -10.30 1.81
CA PRO B 189 -1.94 -9.00 1.23
C PRO B 189 -1.28 -8.11 2.26
N LEU B 190 -1.74 -8.13 3.54
CA LEU B 190 -1.14 -7.33 4.60
C LEU B 190 0.35 -7.67 4.81
N THR B 191 0.65 -8.97 5.02
CA THR B 191 2.02 -9.45 5.27
C THR B 191 2.88 -9.54 4.01
N ASP B 192 2.25 -9.49 2.80
CA ASP B 192 3.03 -9.49 1.55
C ASP B 192 3.67 -8.14 1.32
N LYS B 193 3.12 -7.07 1.93
CA LYS B 193 3.65 -5.72 1.75
C LYS B 193 5.05 -5.64 2.38
N PRO B 194 6.02 -5.00 1.68
CA PRO B 194 7.35 -4.83 2.29
C PRO B 194 7.27 -4.00 3.58
N ASP B 195 6.22 -3.17 3.69
CA ASP B 195 5.85 -2.34 4.85
C ASP B 195 5.68 -3.19 6.12
N ASN B 196 5.25 -4.46 5.92
CA ASN B 196 4.89 -5.34 7.01
C ASN B 196 5.77 -6.60 7.12
N LYS B 197 7.08 -6.48 6.82
CA LYS B 197 8.06 -7.57 6.95
C LYS B 197 8.21 -7.97 8.41
N ASP B 198 7.87 -7.06 9.33
CA ASP B 198 7.90 -7.31 10.77
C ASP B 198 6.62 -7.98 11.29
N LEU B 199 5.67 -8.34 10.38
CA LEU B 199 4.42 -9.06 10.71
C LEU B 199 4.41 -10.43 10.04
N LYS B 200 3.91 -11.46 10.76
CA LYS B 200 3.89 -12.81 10.22
C LYS B 200 2.60 -13.52 10.54
N MET B 201 2.09 -14.28 9.56
CA MET B 201 0.95 -15.18 9.74
C MET B 201 1.52 -16.44 10.40
N PHE B 202 0.77 -17.08 11.28
CA PHE B 202 1.24 -18.32 11.91
C PHE B 202 0.05 -19.12 12.38
N GLY B 203 0.31 -20.38 12.62
CA GLY B 203 -0.70 -21.29 13.13
C GLY B 203 -1.46 -22.05 12.07
N PRO B 204 -2.44 -22.84 12.51
CA PRO B 204 -3.27 -23.57 11.54
C PRO B 204 -4.10 -22.63 10.69
N ARG B 205 -4.47 -23.07 9.49
CA ARG B 205 -5.38 -22.35 8.59
C ARG B 205 -6.73 -23.03 8.79
N MET B 206 -7.67 -22.31 9.43
CA MET B 206 -8.96 -22.84 9.83
C MET B 206 -10.11 -22.48 8.90
N THR B 207 -11.05 -23.40 8.71
CA THR B 207 -12.24 -23.18 7.86
C THR B 207 -13.48 -23.70 8.56
N GLY B 208 -14.66 -23.21 8.14
CA GLY B 208 -15.95 -23.69 8.65
C GLY B 208 -16.20 -23.40 10.11
N GLY B 209 -17.11 -24.20 10.70
CA GLY B 209 -17.52 -23.99 12.08
C GLY B 209 -18.11 -22.60 12.20
N LEU B 210 -17.78 -21.87 13.26
CA LEU B 210 -18.29 -20.51 13.42
C LEU B 210 -17.76 -19.52 12.39
N PHE B 211 -16.73 -19.90 11.60
CA PHE B 211 -16.21 -19.02 10.55
C PHE B 211 -17.17 -18.97 9.35
N GLY B 212 -18.04 -19.96 9.24
CA GLY B 212 -19.05 -19.96 8.19
C GLY B 212 -18.63 -20.53 6.86
N LYS B 213 -19.41 -20.16 5.82
CA LYS B 213 -19.36 -20.72 4.47
C LYS B 213 -18.83 -19.81 3.35
N GLY B 214 -18.04 -18.80 3.68
CA GLY B 214 -17.48 -17.91 2.66
C GLY B 214 -18.03 -16.52 2.77
N VAL B 215 -17.54 -15.59 1.92
CA VAL B 215 -17.98 -14.19 1.93
C VAL B 215 -19.22 -14.08 1.03
N GLY B 216 -20.26 -13.43 1.53
CA GLY B 216 -21.48 -13.26 0.76
C GLY B 216 -22.06 -11.86 0.84
N VAL B 217 -23.01 -11.59 -0.06
CA VAL B 217 -23.74 -10.32 -0.06
C VAL B 217 -24.86 -10.46 1.00
N GLY B 218 -24.91 -9.55 1.96
CA GLY B 218 -25.95 -9.53 3.00
C GLY B 218 -27.20 -8.89 2.43
N ILE B 219 -28.36 -9.56 2.56
CA ILE B 219 -29.64 -9.10 2.00
C ILE B 219 -30.75 -9.38 3.03
N ARG B 220 -31.79 -8.54 3.08
CA ARG B 220 -32.92 -8.82 4.00
C ARG B 220 -33.57 -10.15 3.61
N LYS B 221 -34.02 -10.94 4.60
CA LYS B 221 -34.65 -12.24 4.39
C LYS B 221 -35.88 -12.18 3.45
N GLU B 222 -36.68 -11.11 3.56
CA GLU B 222 -37.89 -10.95 2.76
C GLU B 222 -37.60 -10.62 1.27
N ASP B 223 -36.36 -10.18 0.96
CA ASP B 223 -35.96 -9.83 -0.39
C ASP B 223 -35.43 -11.05 -1.16
N ALA B 224 -36.30 -12.07 -1.32
CA ALA B 224 -36.00 -13.32 -2.03
C ALA B 224 -35.61 -13.09 -3.49
N ASP B 225 -36.29 -12.14 -4.18
CA ASP B 225 -36.02 -11.76 -5.57
C ASP B 225 -34.63 -11.14 -5.73
N LEU B 226 -34.23 -10.25 -4.80
CA LEU B 226 -32.92 -9.60 -4.82
C LEU B 226 -31.80 -10.66 -4.63
N LYS B 227 -32.03 -11.65 -3.72
CA LYS B 227 -31.07 -12.74 -3.50
C LYS B 227 -30.92 -13.56 -4.79
N ALA B 228 -32.05 -13.89 -5.46
CA ALA B 228 -32.06 -14.65 -6.72
C ALA B 228 -31.25 -13.92 -7.82
N LEU B 229 -31.42 -12.59 -7.94
CA LEU B 229 -30.68 -11.77 -8.90
C LEU B 229 -29.17 -11.80 -8.60
N PHE B 230 -28.78 -11.61 -7.33
CA PHE B 230 -27.38 -11.67 -6.91
C PHE B 230 -26.76 -13.04 -7.16
N ASP B 231 -27.48 -14.14 -6.82
CA ASP B 231 -27.02 -15.51 -6.99
C ASP B 231 -26.72 -15.82 -8.46
N LYS B 232 -27.61 -15.38 -9.37
CA LYS B 232 -27.45 -15.55 -10.82
C LYS B 232 -26.22 -14.75 -11.31
N ALA B 233 -26.07 -13.49 -10.85
CA ALA B 233 -24.97 -12.62 -11.23
C ALA B 233 -23.61 -13.16 -10.73
N ILE B 234 -23.57 -13.67 -9.48
CA ILE B 234 -22.36 -14.26 -8.87
C ILE B 234 -21.95 -15.53 -9.63
N ASP B 235 -22.93 -16.42 -9.93
CA ASP B 235 -22.64 -17.62 -10.72
C ASP B 235 -22.01 -17.28 -12.07
N ALA B 236 -22.52 -16.24 -12.75
CA ALA B 236 -22.01 -15.80 -14.05
C ALA B 236 -20.61 -15.16 -13.92
N ALA B 237 -20.39 -14.36 -12.86
CA ALA B 237 -19.10 -13.71 -12.60
C ALA B 237 -18.01 -14.72 -12.23
N ILE B 238 -18.38 -15.82 -11.57
CA ILE B 238 -17.44 -16.90 -11.24
C ILE B 238 -17.12 -17.64 -12.55
N ALA B 239 -18.19 -18.07 -13.27
CA ALA B 239 -18.10 -18.83 -14.51
C ALA B 239 -17.22 -18.21 -15.60
N ASP B 240 -17.28 -16.87 -15.79
CA ASP B 240 -16.51 -16.20 -16.84
C ASP B 240 -15.11 -15.71 -16.38
N GLY B 241 -14.72 -16.03 -15.15
CA GLY B 241 -13.42 -15.69 -14.59
C GLY B 241 -13.27 -14.29 -14.03
N THR B 242 -14.36 -13.52 -13.95
CA THR B 242 -14.36 -12.15 -13.38
C THR B 242 -13.91 -12.16 -11.91
N VAL B 243 -14.48 -13.06 -11.07
CA VAL B 243 -14.13 -13.14 -9.64
C VAL B 243 -12.64 -13.49 -9.47
N GLN B 244 -12.14 -14.45 -10.29
CA GLN B 244 -10.73 -14.83 -10.27
C GLN B 244 -9.85 -13.63 -10.63
N LYS B 245 -10.22 -12.89 -11.69
CA LYS B 245 -9.48 -11.73 -12.18
C LYS B 245 -9.40 -10.64 -11.09
N LEU B 246 -10.55 -10.30 -10.47
CA LEU B 246 -10.60 -9.29 -9.42
C LEU B 246 -9.84 -9.73 -8.18
N SER B 247 -9.93 -11.03 -7.83
CA SER B 247 -9.22 -11.60 -6.68
C SER B 247 -7.70 -11.43 -6.87
N GLN B 248 -7.19 -11.78 -8.06
CA GLN B 248 -5.76 -11.65 -8.36
C GLN B 248 -5.32 -10.17 -8.26
N GLN B 249 -6.13 -9.26 -8.80
CA GLN B 249 -5.87 -7.82 -8.84
C GLN B 249 -5.76 -7.22 -7.43
N TRP B 250 -6.72 -7.54 -6.56
CA TRP B 250 -6.79 -6.96 -5.20
C TRP B 250 -6.02 -7.72 -4.12
N PHE B 251 -6.07 -9.06 -4.14
CA PHE B 251 -5.43 -9.91 -3.12
C PHE B 251 -4.04 -10.45 -3.51
N GLY B 252 -3.72 -10.43 -4.80
CA GLY B 252 -2.46 -10.96 -5.31
C GLY B 252 -2.49 -12.48 -5.49
N TYR B 253 -3.67 -13.10 -5.31
CA TYR B 253 -3.89 -14.54 -5.48
C TYR B 253 -5.37 -14.82 -5.75
N ASP B 254 -5.68 -16.07 -6.13
CA ASP B 254 -7.04 -16.48 -6.45
C ASP B 254 -7.78 -17.09 -5.27
N ALA B 255 -8.72 -16.33 -4.68
CA ALA B 255 -9.54 -16.82 -3.58
C ALA B 255 -10.99 -17.05 -4.03
N SER B 256 -11.23 -17.05 -5.37
CA SER B 256 -12.57 -17.23 -5.91
C SER B 256 -13.13 -18.64 -5.65
N PRO B 257 -14.48 -18.81 -5.52
CA PRO B 257 -15.03 -20.17 -5.36
C PRO B 257 -14.95 -20.92 -6.70
N LYS B 258 -14.82 -22.25 -6.63
CA LYS B 258 -14.69 -23.08 -7.84
C LYS B 258 -15.99 -23.22 -8.65
N GLN B 259 -17.17 -23.12 -8.00
CA GLN B 259 -18.47 -23.21 -8.66
C GLN B 259 -19.56 -22.41 -7.94
OXT 2W2 C . 15.25 15.01 -5.51
CAQ 2W2 C . 15.78 11.34 -8.31
CAK 2W2 C . 14.65 10.35 -7.90
CAM 2W2 C . 14.06 10.52 -6.50
CAU 2W2 C . 13.05 11.70 -6.32
OAC 2W2 C . 15.82 12.53 -7.90
OAF 2W2 C . 16.68 10.94 -9.15
CAS 2W2 C . 12.04 11.70 -7.48
OAH 2W2 C . 12.25 12.41 -8.49
OAE 2W2 C . 11.04 10.93 -7.43
N 2W2 C . 13.77 12.93 -6.19
CA 2W2 C . 13.08 14.23 -6.21
C 2W2 C . 14.08 15.31 -5.87
O 2W2 C . 13.73 16.51 -5.90
CB 2W2 C . 11.90 14.30 -5.24
CG 2W2 C . 12.40 14.06 -3.78
CD 2W2 C . 11.24 14.26 -2.77
NE 2W2 C . 11.68 13.64 -1.57
CZ 2W2 C . 10.78 13.46 -0.49
NH2 2W2 C . 11.23 12.85 0.62
NH1 2W2 C . 9.55 13.94 -0.55
C1 PEG D . 15.48 25.97 -11.86
O1 PEG D . 16.73 26.60 -11.69
C2 PEG D . 14.36 26.80 -11.33
O2 PEG D . 14.26 26.64 -9.91
C3 PEG D . 13.11 27.25 -9.36
C4 PEG D . 12.32 26.25 -8.58
O4 PEG D . 13.10 25.66 -7.55
C1 PEG E . 15.51 3.88 14.27
O1 PEG E . 16.31 3.98 13.10
C2 PEG E . 14.48 4.96 14.33
O2 PEG E . 13.63 4.91 13.19
C3 PEG E . 12.52 5.80 13.26
C4 PEG E . 11.24 5.03 13.25
O4 PEG E . 10.13 5.86 13.13
C1 EDO F . 34.04 22.56 0.79
O1 EDO F . 33.57 23.85 0.42
C2 EDO F . 34.33 22.54 2.33
O2 EDO F . 35.00 21.34 2.64
C1 EDO G . 14.91 23.35 -6.42
O1 EDO G . 13.47 23.33 -6.30
C2 EDO G . 15.57 22.09 -5.78
O2 EDO G . 16.92 22.38 -5.42
C1 EDO H . 7.59 31.37 -6.42
O1 EDO H . 6.34 31.36 -7.11
C2 EDO H . 7.38 30.87 -4.98
O2 EDO H . 6.80 29.56 -5.00
C1 EDO I . 21.77 29.48 -7.19
O1 EDO I . 22.96 29.98 -6.59
C2 EDO I . 21.41 28.12 -6.56
O2 EDO I . 20.36 27.50 -7.29
NA NA J . 15.81 20.49 -1.96
NA NA K . 16.81 -10.05 3.43
NA NA L . 5.78 -3.72 -3.71
NA NA M . 6.90 1.14 -17.00
OXT 2W2 N . -17.18 -11.84 8.51
CAQ 2W2 N . -14.77 -14.64 5.67
CAK 2W2 N . -13.61 -13.75 5.13
CAM 2W2 N . -13.82 -12.23 5.19
CAU 2W2 N . -13.62 -11.57 6.58
OAC 2W2 N . -15.53 -14.28 6.61
OAF 2W2 N . -14.97 -15.80 5.16
CAS 2W2 N . -12.34 -12.09 7.25
OAH 2W2 N . -11.25 -11.53 7.01
OAE 2W2 N . -12.37 -13.08 8.01
N 2W2 N . -14.81 -11.77 7.38
CA 2W2 N . -14.84 -11.43 8.80
C 2W2 N . -16.24 -11.58 9.30
O 2W2 N . -16.50 -11.42 10.53
CB 2W2 N . -14.34 -10.01 9.10
CG 2W2 N . -15.24 -8.97 8.37
CD 2W2 N . -14.85 -7.53 8.75
NE 2W2 N . -15.42 -6.69 7.73
CZ 2W2 N . -15.10 -5.30 7.69
NH2 2W2 N . -15.64 -4.55 6.71
NH1 2W2 N . -14.31 -4.76 8.61
C1 EDO O . -2.87 -30.78 7.71
O1 EDO O . -3.53 -30.57 6.47
C2 EDO O . -1.41 -31.24 7.46
O2 EDO O . -0.61 -30.91 8.58
C1 EDO P . -20.23 -12.03 16.60
O1 EDO P . -18.95 -11.52 16.95
C2 EDO P . -20.20 -12.55 15.14
O2 EDO P . -21.53 -12.85 14.72
NA NA Q . -12.19 -32.99 9.70
NA NA R . -9.77 -1.81 22.41
NA NA S . 0.72 -18.34 2.26
#